data_4Q96
#
_entry.id   4Q96
#
_cell.length_a   55.653
_cell.length_b   134.707
_cell.length_c   55.706
_cell.angle_alpha   90.000
_cell.angle_beta   106.640
_cell.angle_gamma   90.000
#
_symmetry.space_group_name_H-M   'P 1 21 1'
#
loop_
_entity.id
_entity.type
_entity.pdbx_description
1 polymer 'Regulation of nuclear pre-mRNA domain-containing protein 1B'
2 polymer RPB1-CTD
3 non-polymer 'UNKNOWN ATOM OR ION'
4 non-polymer 'SULFATE ION'
5 water water
#
loop_
_entity_poly.entity_id
_entity_poly.type
_entity_poly.pdbx_seq_one_letter_code
_entity_poly.pdbx_strand_id
1 'polypeptide(L)'
;GSSFSESALEKKLSELSNSQHSVQTLSLWLIHHRKHAGPIVSVWHRELRKAKSNRKLTFLYLANDVIQNSKRKGPEFTRE
FESVLVDAFSHVAREADEGCKKPLERLLNIWQERSVYGGEFIQQLKLSMEDSKSP
;
A,B,D,E
2 'polypeptide(L)' (BTN)SPSYSPTSPSYSPTSPSYS(NH2) C,F
#
loop_
_chem_comp.id
_chem_comp.type
_chem_comp.name
_chem_comp.formula
BTN non-polymer BIOTIN 'C10 H16 N2 O3 S'
NH2 non-polymer 'AMINO GROUP' 'H2 N'
SO4 non-polymer 'SULFATE ION' 'O4 S -2'
UNX non-polymer 'UNKNOWN ATOM OR ION' ?
#
# COMPACT_ATOMS: atom_id res chain seq x y z
N SER A 3 -25.84 0.34 19.37
CA SER A 3 -26.68 -0.85 19.25
C SER A 3 -26.13 -1.84 18.23
N PHE A 4 -26.15 -3.13 18.56
CA PHE A 4 -25.69 -4.14 17.61
C PHE A 4 -26.75 -4.48 16.58
N SER A 5 -26.31 -4.68 15.35
CA SER A 5 -27.15 -5.21 14.27
C SER A 5 -26.25 -5.82 13.20
N GLU A 6 -26.71 -6.89 12.53
CA GLU A 6 -25.88 -7.52 11.49
C GLU A 6 -25.67 -6.57 10.32
N SER A 7 -26.60 -5.64 10.13
CA SER A 7 -26.46 -4.65 9.07
C SER A 7 -25.35 -3.63 9.37
N ALA A 8 -25.23 -3.24 10.64
CA ALA A 8 -24.18 -2.31 11.06
C ALA A 8 -22.80 -2.97 10.98
N LEU A 9 -22.75 -4.26 11.33
CA LEU A 9 -21.51 -5.01 11.24
C LEU A 9 -21.06 -5.15 9.79
N GLU A 10 -22.00 -5.52 8.92
CA GLU A 10 -21.71 -5.62 7.49
C GLU A 10 -21.13 -4.33 6.93
N LYS A 11 -21.68 -3.19 7.34
CA LYS A 11 -21.15 -1.91 6.89
C LYS A 11 -19.75 -1.69 7.47
N LYS A 12 -19.58 -2.01 8.75
CA LYS A 12 -18.29 -1.84 9.42
C LYS A 12 -17.21 -2.72 8.80
N LEU A 13 -17.63 -3.88 8.30
CA LEU A 13 -16.68 -4.78 7.66
C LEU A 13 -16.29 -4.31 6.27
N SER A 14 -17.18 -3.55 5.61
CA SER A 14 -16.87 -2.98 4.31
C SER A 14 -15.90 -1.83 4.47
N GLU A 15 -16.02 -1.14 5.61
CA GLU A 15 -15.17 0.03 5.88
C GLU A 15 -13.81 -0.37 6.47
N LEU A 16 -13.73 -1.57 7.04
CA LEU A 16 -12.50 -2.10 7.63
C LEU A 16 -11.27 -1.95 6.71
N SER A 17 -10.20 -1.34 7.23
CA SER A 17 -8.92 -1.28 6.52
C SER A 17 -7.85 -2.08 7.28
N ASN A 18 -6.62 -2.14 6.75
CA ASN A 18 -5.60 -2.91 7.46
C ASN A 18 -4.73 -2.09 8.41
N SER A 19 -5.17 -0.90 8.77
CA SER A 19 -4.40 -0.11 9.73
C SER A 19 -4.59 -0.71 11.12
N GLN A 20 -3.66 -0.45 12.02
CA GLN A 20 -3.81 -0.93 13.40
C GLN A 20 -5.06 -0.32 14.02
N HIS A 21 -5.33 0.93 13.67
CA HIS A 21 -6.51 1.63 14.19
C HIS A 21 -7.83 0.98 13.77
N SER A 22 -7.96 0.71 12.49
CA SER A 22 -9.20 0.16 11.96
C SER A 22 -9.51 -1.20 12.58
N VAL A 23 -8.53 -2.10 12.58
CA VAL A 23 -8.78 -3.44 13.07
C VAL A 23 -9.08 -3.45 14.57
N GLN A 24 -8.29 -2.73 15.36
CA GLN A 24 -8.40 -2.73 16.82
CA GLN A 24 -8.51 -2.90 16.79
C GLN A 24 -9.71 -2.07 17.25
N THR A 25 -10.11 -1.07 16.49
CA THR A 25 -11.34 -0.35 16.77
C THR A 25 -12.56 -1.25 16.59
N LEU A 26 -12.65 -1.86 15.41
CA LEU A 26 -13.74 -2.78 15.11
C LEU A 26 -13.73 -3.97 16.07
N SER A 27 -12.53 -4.43 16.43
CA SER A 27 -12.43 -5.56 17.35
C SER A 27 -13.02 -5.22 18.71
N LEU A 28 -12.72 -4.03 19.24
CA LEU A 28 -13.29 -3.60 20.52
C LEU A 28 -14.83 -3.53 20.47
N TRP A 29 -15.38 -3.07 19.36
CA TRP A 29 -16.82 -3.00 19.16
C TRP A 29 -17.44 -4.40 19.25
N LEU A 30 -16.77 -5.37 18.62
CA LEU A 30 -17.28 -6.74 18.59
C LEU A 30 -17.20 -7.40 19.97
N ILE A 31 -16.19 -7.03 20.74
CA ILE A 31 -16.03 -7.55 22.09
C ILE A 31 -17.05 -6.90 23.00
N HIS A 32 -17.42 -5.67 22.70
CA HIS A 32 -18.54 -5.05 23.43
C HIS A 32 -19.82 -5.84 23.14
N HIS A 33 -19.98 -6.25 21.88
CA HIS A 33 -21.14 -7.04 21.48
C HIS A 33 -20.92 -8.54 21.49
N ARG A 34 -20.09 -9.01 22.43
CA ARG A 34 -19.73 -10.42 22.48
C ARG A 34 -20.94 -11.32 22.77
N LYS A 35 -22.02 -10.74 23.30
CA LYS A 35 -23.28 -11.47 23.48
C LYS A 35 -23.81 -12.01 22.15
N HIS A 36 -23.46 -11.33 21.06
CA HIS A 36 -23.87 -11.73 19.72
C HIS A 36 -22.76 -12.44 18.94
N ALA A 37 -21.87 -13.13 19.65
CA ALA A 37 -20.70 -13.78 19.04
C ALA A 37 -21.04 -14.74 17.89
N GLY A 38 -22.05 -15.58 18.10
CA GLY A 38 -22.51 -16.48 17.05
C GLY A 38 -22.82 -15.80 15.72
N PRO A 39 -23.82 -14.89 15.72
CA PRO A 39 -24.14 -14.14 14.51
C PRO A 39 -22.94 -13.38 13.96
N ILE A 40 -22.11 -12.84 14.85
CA ILE A 40 -20.95 -12.08 14.44
C ILE A 40 -20.05 -12.94 13.57
N VAL A 41 -19.73 -14.13 14.06
CA VAL A 41 -18.83 -15.01 13.33
C VAL A 41 -19.48 -15.44 12.02
N SER A 42 -20.79 -15.62 12.03
CA SER A 42 -21.49 -16.00 10.81
CA SER A 42 -21.51 -16.00 10.82
C SER A 42 -21.37 -14.89 9.77
N VAL A 43 -21.68 -13.66 10.18
CA VAL A 43 -21.59 -12.53 9.25
C VAL A 43 -20.16 -12.38 8.75
N TRP A 44 -19.20 -12.50 9.66
CA TRP A 44 -17.78 -12.36 9.34
C TRP A 44 -17.31 -13.35 8.25
N HIS A 45 -17.74 -14.60 8.34
CA HIS A 45 -17.35 -15.64 7.39
C HIS A 45 -17.93 -15.34 5.99
N ARG A 46 -19.18 -14.91 5.99
CA ARG A 46 -19.90 -14.50 4.77
C ARG A 46 -19.18 -13.35 4.05
N GLU A 47 -18.83 -12.31 4.80
CA GLU A 47 -18.20 -11.14 4.20
C GLU A 47 -16.75 -11.43 3.82
N LEU A 48 -16.09 -12.30 4.58
CA LEU A 48 -14.71 -12.72 4.22
C LEU A 48 -14.67 -13.33 2.82
N ARG A 49 -15.56 -14.28 2.57
CA ARG A 49 -15.63 -14.89 1.25
C ARG A 49 -15.98 -13.89 0.14
N LYS A 50 -16.81 -12.90 0.44
CA LYS A 50 -17.20 -11.88 -0.54
C LYS A 50 -16.19 -10.74 -0.72
N ALA A 51 -15.20 -10.65 0.17
CA ALA A 51 -14.23 -9.57 0.06
C ALA A 51 -13.23 -9.81 -1.06
N LYS A 52 -12.76 -8.72 -1.66
CA LYS A 52 -11.65 -8.81 -2.61
C LYS A 52 -10.46 -9.51 -1.94
N SER A 53 -9.68 -10.21 -2.76
CA SER A 53 -8.66 -11.12 -2.26
C SER A 53 -7.58 -10.43 -1.43
N ASN A 54 -7.27 -9.18 -1.76
CA ASN A 54 -6.24 -8.46 -1.01
C ASN A 54 -6.77 -7.90 0.32
N ARG A 55 -8.05 -8.14 0.60
CA ARG A 55 -8.61 -7.74 1.89
C ARG A 55 -8.79 -8.92 2.86
N LYS A 56 -8.63 -10.14 2.35
CA LYS A 56 -8.98 -11.32 3.12
C LYS A 56 -8.07 -11.52 4.34
N LEU A 57 -6.78 -11.21 4.18
CA LEU A 57 -5.84 -11.28 5.30
C LEU A 57 -6.31 -10.38 6.45
N THR A 58 -6.82 -9.21 6.10
CA THR A 58 -7.30 -8.24 7.08
C THR A 58 -8.52 -8.79 7.87
N PHE A 59 -9.42 -9.51 7.21
CA PHE A 59 -10.45 -10.24 7.96
C PHE A 59 -9.88 -11.25 8.96
N LEU A 60 -8.83 -11.98 8.56
CA LEU A 60 -8.20 -12.92 9.45
C LEU A 60 -7.51 -12.21 10.61
N TYR A 61 -7.01 -10.98 10.37
CA TYR A 61 -6.38 -10.20 11.44
C TYR A 61 -7.42 -9.69 12.44
N LEU A 62 -8.59 -9.35 11.94
CA LEU A 62 -9.71 -8.97 12.80
C LEU A 62 -10.09 -10.12 13.71
N ALA A 63 -10.21 -11.30 13.11
CA ALA A 63 -10.44 -12.54 13.84
C ALA A 63 -9.35 -12.70 14.91
N ASN A 64 -8.09 -12.58 14.50
CA ASN A 64 -7.00 -12.61 15.45
C ASN A 64 -7.25 -11.69 16.64
N ASP A 65 -7.54 -10.44 16.36
CA ASP A 65 -7.64 -9.45 17.42
C ASP A 65 -8.85 -9.71 18.30
N VAL A 66 -9.97 -10.12 17.69
CA VAL A 66 -11.12 -10.45 18.53
C VAL A 66 -10.82 -11.63 19.43
N ILE A 67 -10.27 -12.70 18.87
CA ILE A 67 -10.06 -13.93 19.63
C ILE A 67 -9.08 -13.68 20.78
N GLN A 68 -7.93 -13.06 20.50
CA GLN A 68 -6.95 -12.80 21.56
C GLN A 68 -7.46 -11.90 22.69
N ASN A 69 -8.13 -10.81 22.35
CA ASN A 69 -8.63 -9.89 23.37
C ASN A 69 -9.86 -10.41 24.11
N SER A 70 -10.61 -11.33 23.50
CA SER A 70 -11.84 -11.81 24.12
C SER A 70 -11.59 -12.80 25.26
N LYS A 71 -10.41 -13.41 25.28
CA LYS A 71 -10.12 -14.48 26.25
C LYS A 71 -10.30 -14.01 27.69
N ARG A 72 -9.87 -12.78 27.99
CA ARG A 72 -10.01 -12.22 29.33
C ARG A 72 -11.49 -12.00 29.68
N LYS A 73 -12.36 -12.10 28.69
CA LYS A 73 -13.81 -12.05 28.93
C LYS A 73 -14.41 -13.45 29.09
N GLY A 74 -14.02 -14.37 28.20
CA GLY A 74 -14.62 -15.71 28.19
C GLY A 74 -14.29 -16.41 26.89
N PRO A 75 -14.57 -17.72 26.80
CA PRO A 75 -14.15 -18.55 25.68
C PRO A 75 -15.10 -18.53 24.49
N GLU A 76 -16.13 -17.71 24.54
CA GLU A 76 -17.17 -17.76 23.51
C GLU A 76 -16.67 -17.45 22.10
N PHE A 77 -15.89 -16.39 21.92
CA PHE A 77 -15.41 -16.05 20.58
C PHE A 77 -14.41 -17.08 20.09
N THR A 78 -13.57 -17.57 21.00
CA THR A 78 -12.65 -18.64 20.67
C THR A 78 -13.42 -19.82 20.11
N ARG A 79 -14.48 -20.19 20.82
CA ARG A 79 -15.32 -21.32 20.43
C ARG A 79 -16.07 -21.05 19.14
N GLU A 80 -16.65 -19.86 19.01
CA GLU A 80 -17.42 -19.54 17.81
C GLU A 80 -16.54 -19.51 16.57
N PHE A 81 -15.33 -18.95 16.69
CA PHE A 81 -14.42 -18.92 15.56
C PHE A 81 -13.85 -20.29 15.26
N GLU A 82 -13.64 -21.11 16.29
CA GLU A 82 -13.06 -22.43 16.08
C GLU A 82 -13.91 -23.28 15.12
N SER A 83 -15.20 -22.96 15.04
CA SER A 83 -16.11 -23.77 14.24
C SER A 83 -16.00 -23.44 12.76
N VAL A 84 -15.36 -22.33 12.42
CA VAL A 84 -15.30 -21.90 11.01
C VAL A 84 -13.88 -21.61 10.50
N LEU A 85 -12.88 -21.60 11.39
CA LEU A 85 -11.54 -21.17 11.00
C LEU A 85 -10.86 -22.13 10.02
N VAL A 86 -11.19 -23.41 10.08
CA VAL A 86 -10.60 -24.33 9.12
C VAL A 86 -11.05 -23.97 7.70
N ASP A 87 -12.36 -23.79 7.51
CA ASP A 87 -12.88 -23.38 6.20
C ASP A 87 -12.36 -22.01 5.80
N ALA A 88 -12.31 -21.08 6.77
CA ALA A 88 -11.82 -19.73 6.48
C ALA A 88 -10.41 -19.75 5.94
N PHE A 89 -9.49 -20.43 6.63
CA PHE A 89 -8.12 -20.50 6.17
C PHE A 89 -8.02 -21.23 4.84
N SER A 90 -8.83 -22.28 4.67
CA SER A 90 -8.76 -23.02 3.44
C SER A 90 -9.09 -22.09 2.29
N HIS A 91 -10.16 -21.30 2.47
CA HIS A 91 -10.62 -20.36 1.47
C HIS A 91 -9.55 -19.32 1.15
N VAL A 92 -8.97 -18.74 2.20
CA VAL A 92 -8.02 -17.67 2.00
C VAL A 92 -6.73 -18.18 1.32
N ALA A 93 -6.24 -19.31 1.77
CA ALA A 93 -5.10 -19.98 1.13
C ALA A 93 -5.36 -20.33 -0.35
N ARG A 94 -6.55 -20.86 -0.63
CA ARG A 94 -6.90 -21.25 -1.99
C ARG A 94 -6.85 -20.03 -2.92
N GLU A 95 -7.50 -18.95 -2.50
CA GLU A 95 -7.52 -17.72 -3.29
C GLU A 95 -6.11 -17.12 -3.37
N ALA A 96 -5.34 -17.26 -2.29
CA ALA A 96 -3.96 -16.80 -2.30
C ALA A 96 -3.14 -17.57 -3.37
N ASP A 97 -3.33 -18.88 -3.43
CA ASP A 97 -2.60 -19.71 -4.40
C ASP A 97 -3.02 -19.44 -5.82
N GLU A 98 -4.32 -19.20 -6.01
CA GLU A 98 -4.88 -18.91 -7.33
C GLU A 98 -4.26 -17.65 -7.91
N GLY A 99 -4.10 -16.65 -7.07
CA GLY A 99 -3.65 -15.34 -7.55
C GLY A 99 -2.15 -15.13 -7.54
N CYS A 100 -1.41 -16.04 -6.89
CA CYS A 100 0.00 -15.84 -6.57
C CYS A 100 0.85 -15.38 -7.75
N LYS A 101 0.72 -16.09 -8.86
CA LYS A 101 1.62 -15.92 -10.01
C LYS A 101 0.98 -15.31 -11.26
N LYS A 102 -0.21 -14.72 -11.08
CA LYS A 102 -0.84 -13.99 -12.17
C LYS A 102 0.00 -12.86 -12.75
N PRO A 103 0.77 -12.13 -11.92
CA PRO A 103 1.64 -11.15 -12.59
C PRO A 103 2.59 -11.84 -13.60
N LEU A 104 3.16 -12.98 -13.23
CA LEU A 104 4.11 -13.69 -14.13
C LEU A 104 3.41 -14.23 -15.36
N GLU A 105 2.28 -14.88 -15.15
CA GLU A 105 1.49 -15.42 -16.26
C GLU A 105 1.12 -14.30 -17.23
N ARG A 106 0.79 -13.12 -16.71
CA ARG A 106 0.33 -12.04 -17.58
C ARG A 106 1.48 -11.44 -18.38
N LEU A 107 2.68 -11.40 -17.79
CA LEU A 107 3.83 -10.93 -18.56
C LEU A 107 4.06 -11.91 -19.70
N LEU A 108 3.92 -13.19 -19.40
CA LEU A 108 4.18 -14.23 -20.40
C LEU A 108 3.12 -14.18 -21.50
N ASN A 109 1.86 -13.98 -21.11
CA ASN A 109 0.79 -13.80 -22.08
C ASN A 109 1.05 -12.61 -23.01
N ILE A 110 1.57 -11.51 -22.48
CA ILE A 110 1.86 -10.33 -23.30
C ILE A 110 2.94 -10.64 -24.32
N TRP A 111 3.94 -11.43 -23.92
CA TRP A 111 5.06 -11.74 -24.80
C TRP A 111 4.68 -12.74 -25.88
N GLN A 112 3.81 -13.69 -25.51
CA GLN A 112 3.25 -14.61 -26.48
C GLN A 112 2.41 -13.80 -27.47
N GLU A 113 1.57 -12.91 -26.93
CA GLU A 113 0.76 -12.00 -27.74
C GLU A 113 1.52 -11.34 -28.87
N ARG A 114 2.49 -10.52 -28.48
CA ARG A 114 3.13 -9.59 -29.39
C ARG A 114 4.39 -10.17 -30.01
N SER A 115 4.53 -11.49 -29.90
CA SER A 115 5.68 -12.22 -30.44
C SER A 115 6.98 -11.57 -30.01
N VAL A 116 7.09 -11.28 -28.72
CA VAL A 116 8.30 -10.79 -28.10
C VAL A 116 9.34 -11.92 -28.11
N TYR A 117 8.84 -13.14 -27.93
CA TYR A 117 9.65 -14.34 -28.09
C TYR A 117 8.85 -15.36 -28.87
N GLY A 118 9.51 -16.41 -29.34
CA GLY A 118 8.83 -17.48 -30.02
C GLY A 118 8.11 -18.37 -29.04
N GLY A 119 7.12 -19.12 -29.52
CA GLY A 119 6.33 -20.00 -28.67
C GLY A 119 7.16 -21.03 -27.92
N GLU A 120 8.25 -21.50 -28.52
CA GLU A 120 9.11 -22.49 -27.89
CA GLU A 120 9.10 -22.49 -27.89
C GLU A 120 9.70 -21.95 -26.60
N PHE A 121 10.23 -20.73 -26.65
CA PHE A 121 10.80 -20.11 -25.47
C PHE A 121 9.71 -19.74 -24.47
N ILE A 122 8.58 -19.24 -24.95
CA ILE A 122 7.47 -18.89 -24.05
C ILE A 122 7.01 -20.10 -23.25
N GLN A 123 6.97 -21.27 -23.90
CA GLN A 123 6.63 -22.50 -23.20
C GLN A 123 7.70 -22.84 -22.16
N GLN A 124 8.96 -22.53 -22.47
CA GLN A 124 10.04 -22.79 -21.52
C GLN A 124 9.87 -21.94 -20.26
N LEU A 125 9.47 -20.69 -20.45
CA LEU A 125 9.23 -19.78 -19.34
C LEU A 125 7.99 -20.19 -18.51
N LYS A 126 6.91 -20.61 -19.17
CA LYS A 126 5.74 -21.11 -18.45
C LYS A 126 6.10 -22.34 -17.61
N LEU A 127 6.87 -23.25 -18.19
CA LEU A 127 7.36 -24.40 -17.47
C LEU A 127 8.17 -24.02 -16.23
N SER A 128 8.95 -22.95 -16.33
CA SER A 128 9.87 -22.56 -15.27
C SER A 128 9.12 -22.09 -14.01
N MET A 129 7.86 -21.66 -14.18
CA MET A 129 7.09 -21.13 -13.06
C MET A 129 6.52 -22.23 -12.15
N GLU A 130 7.20 -23.39 -12.11
CA GLU A 130 6.93 -24.42 -11.13
C GLU A 130 8.17 -25.29 -10.89
N ASP A 131 9.17 -25.11 -11.76
CA ASP A 131 10.43 -25.84 -11.64
N PHE B 4 27.54 5.85 -19.04
CA PHE B 4 27.34 4.51 -18.49
C PHE B 4 28.42 4.08 -17.51
N SER B 5 28.00 3.27 -16.55
CA SER B 5 28.91 2.48 -15.72
C SER B 5 28.07 1.47 -14.93
N GLU B 6 28.71 0.40 -14.49
CA GLU B 6 27.97 -0.62 -13.75
C GLU B 6 27.64 -0.12 -12.36
N SER B 7 28.49 0.78 -11.87
CA SER B 7 28.29 1.43 -10.58
C SER B 7 26.99 2.26 -10.57
N ALA B 8 26.80 3.03 -11.63
CA ALA B 8 25.59 3.84 -11.78
C ALA B 8 24.37 2.93 -11.92
N LEU B 9 24.55 1.85 -12.66
CA LEU B 9 23.48 0.90 -12.93
C LEU B 9 23.00 0.20 -11.66
N GLU B 10 23.97 -0.24 -10.86
CA GLU B 10 23.67 -0.96 -9.64
C GLU B 10 22.92 -0.02 -8.69
N LYS B 11 23.34 1.24 -8.67
CA LYS B 11 22.70 2.24 -7.84
C LYS B 11 21.23 2.48 -8.26
N LYS B 12 20.97 2.57 -9.56
CA LYS B 12 19.62 2.87 -10.02
C LYS B 12 18.71 1.68 -9.76
N LEU B 13 19.25 0.46 -9.89
CA LEU B 13 18.45 -0.74 -9.62
C LEU B 13 18.11 -0.81 -8.12
N SER B 14 19.02 -0.33 -7.26
CA SER B 14 18.74 -0.35 -5.83
CA SER B 14 18.75 -0.33 -5.82
C SER B 14 17.65 0.67 -5.49
N GLU B 15 17.48 1.64 -6.38
CA GLU B 15 16.51 2.72 -6.16
C GLU B 15 15.18 2.47 -6.86
N LEU B 16 15.17 1.46 -7.73
CA LEU B 16 13.98 1.10 -8.51
C LEU B 16 12.76 0.87 -7.60
N SER B 17 11.67 1.56 -7.92
CA SER B 17 10.42 1.47 -7.16
C SER B 17 9.36 0.66 -7.92
N ASN B 18 8.33 0.19 -7.21
CA ASN B 18 7.31 -0.60 -7.90
C ASN B 18 6.28 0.33 -8.55
N SER B 19 6.77 1.37 -9.21
CA SER B 19 5.91 2.29 -9.93
C SER B 19 6.25 2.24 -11.41
N GLN B 20 5.25 2.48 -12.26
CA GLN B 20 5.48 2.52 -13.69
C GLN B 20 6.48 3.63 -14.01
N HIS B 21 6.39 4.74 -13.28
CA HIS B 21 7.35 5.83 -13.49
C HIS B 21 8.79 5.42 -13.23
N SER B 22 9.00 4.67 -12.14
CA SER B 22 10.35 4.26 -11.76
C SER B 22 10.88 3.28 -12.80
N VAL B 23 9.98 2.38 -13.22
CA VAL B 23 10.31 1.38 -14.22
C VAL B 23 10.66 2.02 -15.56
N GLN B 24 9.79 2.89 -16.05
CA GLN B 24 9.95 3.47 -17.38
C GLN B 24 11.13 4.44 -17.46
N THR B 25 11.39 5.15 -16.36
CA THR B 25 12.53 6.05 -16.29
C THR B 25 13.86 5.30 -16.41
N LEU B 26 14.06 4.29 -15.57
CA LEU B 26 15.27 3.48 -15.65
C LEU B 26 15.38 2.85 -17.05
N SER B 27 14.27 2.28 -17.54
CA SER B 27 14.24 1.64 -18.84
C SER B 27 14.73 2.52 -19.98
N LEU B 28 14.36 3.80 -19.97
CA LEU B 28 14.85 4.78 -20.95
C LEU B 28 16.37 4.86 -20.95
N TRP B 29 16.94 4.97 -19.75
CA TRP B 29 18.39 5.10 -19.56
C TRP B 29 19.15 3.88 -20.07
N LEU B 30 18.59 2.70 -19.84
CA LEU B 30 19.17 1.47 -20.35
C LEU B 30 19.07 1.38 -21.86
N ILE B 31 17.95 1.88 -22.43
CA ILE B 31 17.78 1.83 -23.88
C ILE B 31 18.75 2.81 -24.53
N HIS B 32 18.89 3.97 -23.91
CA HIS B 32 19.92 4.93 -24.30
C HIS B 32 21.31 4.28 -24.34
N HIS B 33 21.61 3.47 -23.33
CA HIS B 33 22.91 2.79 -23.22
C HIS B 33 22.90 1.33 -23.71
N ARG B 34 22.12 1.07 -24.76
CA ARG B 34 21.87 -0.28 -25.25
C ARG B 34 23.11 -0.94 -25.84
N LYS B 35 24.14 -0.15 -26.12
CA LYS B 35 25.42 -0.69 -26.58
CA LYS B 35 25.39 -0.73 -26.60
C LYS B 35 26.05 -1.52 -25.47
N HIS B 36 25.56 -1.31 -24.25
CA HIS B 36 26.04 -2.05 -23.08
C HIS B 36 25.03 -3.11 -22.62
N ALA B 37 24.25 -3.64 -23.55
CA ALA B 37 23.17 -4.56 -23.20
C ALA B 37 23.65 -5.80 -22.45
N GLY B 38 24.75 -6.39 -22.92
CA GLY B 38 25.30 -7.56 -22.29
C GLY B 38 25.53 -7.42 -20.80
N PRO B 39 26.40 -6.46 -20.42
CA PRO B 39 26.65 -6.18 -19.01
C PRO B 39 25.40 -5.69 -18.27
N ILE B 40 24.54 -4.93 -18.94
CA ILE B 40 23.32 -4.42 -18.31
C ILE B 40 22.48 -5.59 -17.83
N VAL B 41 22.23 -6.54 -18.72
CA VAL B 41 21.47 -7.74 -18.36
C VAL B 41 22.20 -8.59 -17.30
N SER B 42 23.53 -8.70 -17.38
CA SER B 42 24.25 -9.48 -16.37
C SER B 42 24.13 -8.85 -14.99
N VAL B 43 24.23 -7.52 -14.90
CA VAL B 43 24.06 -6.83 -13.63
C VAL B 43 22.59 -6.89 -13.17
N TRP B 44 21.66 -6.71 -14.11
CA TRP B 44 20.23 -6.82 -13.82
C TRP B 44 19.92 -8.17 -13.14
N HIS B 45 20.50 -9.25 -13.67
CA HIS B 45 20.23 -10.61 -13.18
C HIS B 45 20.84 -10.85 -11.78
N ARG B 46 22.06 -10.35 -11.61
CA ARG B 46 22.78 -10.42 -10.34
C ARG B 46 22.00 -9.70 -9.25
N GLU B 47 21.54 -8.49 -9.56
CA GLU B 47 20.85 -7.67 -8.57
C GLU B 47 19.44 -8.17 -8.27
N LEU B 48 18.82 -8.83 -9.25
CA LEU B 48 17.54 -9.51 -9.04
C LEU B 48 17.67 -10.56 -7.94
N ARG B 49 18.68 -11.42 -8.06
CA ARG B 49 18.88 -12.50 -7.11
C ARG B 49 19.26 -11.99 -5.72
N LYS B 50 19.96 -10.85 -5.67
CA LYS B 50 20.37 -10.25 -4.41
C LYS B 50 19.25 -9.47 -3.75
N ALA B 51 18.26 -9.08 -4.55
CA ALA B 51 17.26 -8.12 -4.12
C ALA B 51 16.32 -8.69 -3.05
N LYS B 52 15.82 -7.79 -2.20
CA LYS B 52 14.82 -8.18 -1.20
C LYS B 52 13.64 -8.84 -1.90
N SER B 53 13.03 -9.83 -1.26
CA SER B 53 11.96 -10.64 -1.88
C SER B 53 10.82 -9.83 -2.49
N ASN B 54 10.43 -8.76 -1.82
CA ASN B 54 9.31 -7.94 -2.28
C ASN B 54 9.65 -7.12 -3.51
N ARG B 55 10.94 -6.95 -3.76
CA ARG B 55 11.38 -6.11 -4.87
C ARG B 55 11.63 -6.86 -6.17
N LYS B 56 11.63 -8.19 -6.12
CA LYS B 56 12.11 -8.97 -7.25
C LYS B 56 11.17 -8.92 -8.45
N LEU B 57 9.87 -8.87 -8.20
CA LEU B 57 8.90 -8.89 -9.29
C LEU B 57 9.05 -7.63 -10.16
N THR B 58 9.44 -6.53 -9.55
CA THR B 58 9.60 -5.26 -10.26
C THR B 58 10.69 -5.41 -11.31
N PHE B 59 11.67 -6.24 -11.04
CA PHE B 59 12.77 -6.42 -12.00
C PHE B 59 12.23 -7.01 -13.30
N LEU B 60 11.25 -7.90 -13.21
CA LEU B 60 10.69 -8.51 -14.41
C LEU B 60 9.89 -7.52 -15.26
N TYR B 61 9.13 -6.65 -14.61
CA TYR B 61 8.43 -5.59 -15.32
C TYR B 61 9.41 -4.58 -15.91
N LEU B 62 10.56 -4.40 -15.25
CA LEU B 62 11.62 -3.62 -15.88
C LEU B 62 12.12 -4.27 -17.17
N ALA B 63 12.36 -5.58 -17.13
CA ALA B 63 12.81 -6.30 -18.32
C ALA B 63 11.77 -6.18 -19.43
N ASN B 64 10.50 -6.27 -19.04
CA ASN B 64 9.42 -6.10 -19.99
C ASN B 64 9.50 -4.75 -20.72
N ASP B 65 9.62 -3.66 -19.97
CA ASP B 65 9.67 -2.33 -20.59
C ASP B 65 10.88 -2.19 -21.52
N VAL B 66 12.03 -2.64 -21.05
CA VAL B 66 13.26 -2.55 -21.82
C VAL B 66 13.16 -3.37 -23.10
N ILE B 67 12.78 -4.63 -23.00
CA ILE B 67 12.64 -5.51 -24.17
C ILE B 67 11.64 -4.98 -25.22
N GLN B 68 10.42 -4.65 -24.79
CA GLN B 68 9.41 -4.17 -25.73
C GLN B 68 9.81 -2.84 -26.38
N ASN B 69 10.35 -1.92 -25.59
CA ASN B 69 10.71 -0.62 -26.14
C ASN B 69 12.04 -0.64 -26.89
N SER B 70 12.78 -1.74 -26.80
CA SER B 70 14.09 -1.83 -27.45
C SER B 70 14.00 -2.36 -28.87
N LYS B 71 12.94 -3.10 -29.17
CA LYS B 71 12.82 -3.76 -30.47
C LYS B 71 12.95 -2.78 -31.63
N ARG B 72 12.51 -1.54 -31.42
CA ARG B 72 12.52 -0.54 -32.49
C ARG B 72 13.93 0.01 -32.73
N LYS B 73 14.87 -0.36 -31.86
CA LYS B 73 16.24 0.12 -31.97
C LYS B 73 17.20 -0.99 -32.40
N GLY B 74 16.85 -2.24 -32.10
CA GLY B 74 17.72 -3.36 -32.40
C GLY B 74 17.45 -4.54 -31.49
N PRO B 75 17.90 -5.74 -31.88
CA PRO B 75 17.47 -6.97 -31.22
C PRO B 75 18.33 -7.45 -30.06
N GLU B 76 19.30 -6.66 -29.63
CA GLU B 76 20.27 -7.16 -28.66
C GLU B 76 19.67 -7.34 -27.26
N PHE B 77 18.77 -6.46 -26.83
CA PHE B 77 18.21 -6.64 -25.49
C PHE B 77 17.36 -7.89 -25.44
N THR B 78 16.59 -8.14 -26.51
CA THR B 78 15.77 -9.35 -26.59
C THR B 78 16.65 -10.60 -26.49
N ARG B 79 17.81 -10.57 -27.16
CA ARG B 79 18.74 -11.68 -27.13
C ARG B 79 19.42 -11.82 -25.77
N GLU B 80 19.96 -10.71 -25.28
CA GLU B 80 20.68 -10.72 -24.00
C GLU B 80 19.75 -11.24 -22.90
N PHE B 81 18.53 -10.73 -22.84
CA PHE B 81 17.57 -11.17 -21.83
C PHE B 81 17.20 -12.65 -21.98
N GLU B 82 17.09 -13.15 -23.21
CA GLU B 82 16.74 -14.56 -23.45
C GLU B 82 17.66 -15.53 -22.71
N SER B 83 18.91 -15.12 -22.52
CA SER B 83 19.89 -15.95 -21.85
C SER B 83 19.63 -16.14 -20.36
N VAL B 84 18.91 -15.20 -19.74
CA VAL B 84 18.68 -15.29 -18.28
C VAL B 84 17.22 -15.41 -17.83
N LEU B 85 16.25 -15.33 -18.76
CA LEU B 85 14.84 -15.21 -18.36
C LEU B 85 14.23 -16.48 -17.74
N VAL B 86 14.73 -17.65 -18.14
CA VAL B 86 14.23 -18.88 -17.53
C VAL B 86 14.59 -18.90 -16.05
N ASP B 87 15.86 -18.68 -15.77
CA ASP B 87 16.35 -18.64 -14.40
C ASP B 87 15.66 -17.55 -13.60
N ALA B 88 15.46 -16.39 -14.22
CA ALA B 88 14.82 -15.26 -13.55
C ALA B 88 13.37 -15.59 -13.18
N PHE B 89 12.61 -16.09 -14.16
CA PHE B 89 11.23 -16.46 -13.90
C PHE B 89 11.14 -17.61 -12.91
N SER B 90 12.03 -18.58 -13.04
CA SER B 90 12.07 -19.69 -12.10
C SER B 90 12.30 -19.18 -10.68
N HIS B 91 13.28 -18.29 -10.55
CA HIS B 91 13.66 -17.72 -9.25
C HIS B 91 12.51 -16.95 -8.63
N VAL B 92 11.89 -16.10 -9.43
CA VAL B 92 10.82 -15.25 -8.93
C VAL B 92 9.62 -16.10 -8.55
N ALA B 93 9.36 -17.15 -9.31
CA ALA B 93 8.25 -18.06 -9.01
C ALA B 93 8.46 -18.84 -7.72
N ARG B 94 9.67 -19.31 -7.46
CA ARG B 94 10.02 -19.87 -6.16
C ARG B 94 9.65 -18.89 -5.05
N GLU B 95 10.16 -17.66 -5.17
CA GLU B 95 9.88 -16.62 -4.19
C GLU B 95 8.37 -16.37 -4.03
N ALA B 96 7.63 -16.46 -5.14
CA ALA B 96 6.19 -16.29 -5.11
C ALA B 96 5.56 -17.39 -4.30
N ASP B 97 5.94 -18.64 -4.62
CA ASP B 97 5.45 -19.80 -3.89
C ASP B 97 5.62 -19.66 -2.39
N GLU B 98 6.79 -19.16 -1.99
CA GLU B 98 7.08 -18.98 -0.58
C GLU B 98 6.29 -17.81 0.05
N GLY B 99 6.19 -16.70 -0.67
CA GLY B 99 5.67 -15.46 -0.10
C GLY B 99 4.17 -15.18 -0.07
N CYS B 100 3.39 -15.77 -1.00
CA CYS B 100 1.97 -15.43 -1.06
C CYS B 100 1.19 -15.83 0.21
N LYS B 101 1.52 -16.96 0.80
CA LYS B 101 0.85 -17.40 2.03
C LYS B 101 1.71 -17.25 3.28
N LYS B 102 2.84 -16.56 3.15
CA LYS B 102 3.71 -16.31 4.30
C LYS B 102 2.94 -15.62 5.46
N PRO B 103 2.14 -14.57 5.17
CA PRO B 103 1.39 -13.97 6.29
C PRO B 103 0.51 -14.96 7.05
N LEU B 104 -0.16 -15.85 6.33
CA LEU B 104 -0.99 -16.88 6.98
C LEU B 104 -0.19 -17.83 7.84
N GLU B 105 0.96 -18.26 7.34
CA GLU B 105 1.81 -19.17 8.06
C GLU B 105 2.31 -18.54 9.36
N ARG B 106 2.60 -17.25 9.31
CA ARG B 106 3.09 -16.52 10.48
C ARG B 106 1.98 -16.32 11.50
N LEU B 107 0.78 -16.06 10.99
CA LEU B 107 -0.37 -15.87 11.86
C LEU B 107 -0.62 -17.15 12.66
N LEU B 108 -0.53 -18.30 12.00
CA LEU B 108 -0.69 -19.59 12.70
C LEU B 108 0.41 -19.84 13.73
N ASN B 109 1.63 -19.42 13.39
CA ASN B 109 2.78 -19.55 14.29
C ASN B 109 2.59 -18.69 15.52
N ILE B 110 1.89 -17.57 15.35
CA ILE B 110 1.59 -16.70 16.48
C ILE B 110 0.57 -17.38 17.38
N TRP B 111 -0.43 -18.00 16.76
CA TRP B 111 -1.46 -18.73 17.49
C TRP B 111 -0.91 -19.96 18.20
N GLN B 112 0.09 -20.59 17.59
CA GLN B 112 0.75 -21.72 18.22
C GLN B 112 1.57 -21.23 19.42
N GLU B 113 2.37 -20.18 19.21
CA GLU B 113 3.25 -19.67 20.25
C GLU B 113 2.48 -19.11 21.45
N ARG B 114 1.38 -18.42 21.17
CA ARG B 114 0.56 -17.87 22.26
C ARG B 114 -0.50 -18.87 22.78
N SER B 115 -0.52 -20.08 22.22
CA SER B 115 -1.56 -21.06 22.52
C SER B 115 -2.97 -20.45 22.43
N VAL B 116 -3.22 -19.69 21.37
CA VAL B 116 -4.56 -19.16 21.13
C VAL B 116 -5.49 -20.36 20.89
N TYR B 117 -4.97 -21.38 20.21
CA TYR B 117 -5.65 -22.67 20.08
C TYR B 117 -4.67 -23.82 20.37
N GLY B 118 -5.20 -24.99 20.71
CA GLY B 118 -4.38 -26.16 21.03
C GLY B 118 -3.67 -26.74 19.83
N GLY B 119 -2.69 -27.61 20.07
CA GLY B 119 -1.85 -28.15 19.01
C GLY B 119 -2.62 -28.88 17.92
N GLU B 120 -3.70 -29.54 18.32
CA GLU B 120 -4.51 -30.31 17.38
C GLU B 120 -5.16 -29.38 16.37
N PHE B 121 -5.87 -28.38 16.87
CA PHE B 121 -6.54 -27.45 15.99
C PHE B 121 -5.52 -26.65 15.17
N ILE B 122 -4.38 -26.34 15.76
CA ILE B 122 -3.32 -25.67 14.99
C ILE B 122 -2.92 -26.49 13.77
N GLN B 123 -2.69 -27.79 13.97
CA GLN B 123 -2.26 -28.66 12.87
C GLN B 123 -3.31 -28.73 11.77
N GLN B 124 -4.59 -28.76 12.17
CA GLN B 124 -5.73 -28.73 11.27
C GLN B 124 -5.72 -27.50 10.36
N LEU B 125 -5.50 -26.34 10.98
CA LEU B 125 -5.38 -25.09 10.23
C LEU B 125 -4.19 -25.10 9.27
N LYS B 126 -3.02 -25.54 9.74
CA LYS B 126 -1.86 -25.66 8.86
C LYS B 126 -2.20 -26.50 7.62
N LEU B 127 -2.72 -27.71 7.88
CA LEU B 127 -3.11 -28.59 6.80
C LEU B 127 -4.14 -27.98 5.85
N SER B 128 -5.07 -27.19 6.38
CA SER B 128 -6.11 -26.60 5.54
C SER B 128 -5.52 -25.65 4.50
N MET B 129 -4.33 -25.14 4.81
CA MET B 129 -3.63 -24.22 3.89
C MET B 129 -3.00 -24.93 2.70
N GLU B 130 -3.00 -26.25 2.75
CA GLU B 130 -2.53 -27.04 1.61
C GLU B 130 -3.74 -27.72 1.02
N ASP B 131 -4.71 -28.01 1.89
CA ASP B 131 -5.98 -28.60 1.49
C ASP B 131 -7.07 -27.52 1.41
C11 BTN C 1 9.80 12.34 -6.20
O11 BTN C 1 9.85 11.23 -5.68
C10 BTN C 1 9.71 12.47 -7.70
C9 BTN C 1 8.26 12.71 -8.05
C8 BTN C 1 7.97 12.33 -9.50
C7 BTN C 1 6.59 12.75 -9.94
C2 BTN C 1 6.51 12.66 -11.46
S1 BTN C 1 5.17 13.44 -12.09
C6 BTN C 1 4.98 12.43 -13.57
C5 BTN C 1 5.72 11.13 -13.32
N1 BTN C 1 4.78 10.06 -13.12
C3 BTN C 1 4.78 9.63 -11.86
O3 BTN C 1 3.94 8.61 -11.36
N2 BTN C 1 5.70 10.29 -11.15
C4 BTN C 1 6.46 11.22 -11.98
N SER C 2 9.79 13.48 -5.53
CA SER C 2 10.08 13.54 -4.10
C SER C 2 8.91 13.00 -3.27
N PRO C 3 9.23 12.23 -2.21
CA PRO C 3 8.29 11.56 -1.30
C PRO C 3 7.32 12.55 -0.65
N SER C 4 6.14 12.06 -0.30
CA SER C 4 5.09 12.92 0.27
C SER C 4 4.48 12.29 1.51
N TYR C 5 4.15 13.15 2.49
CA TYR C 5 3.27 12.73 3.57
C TYR C 5 2.00 12.09 3.01
N SER C 6 1.60 10.97 3.60
CA SER C 6 0.25 10.42 3.40
C SER C 6 -0.39 10.20 4.76
N PRO C 7 -1.72 10.38 4.85
CA PRO C 7 -2.40 10.17 6.13
C PRO C 7 -2.63 8.69 6.48
N THR C 8 -1.56 7.88 6.42
CA THR C 8 -1.62 6.45 6.68
C THR C 8 -1.02 6.05 8.03
N SER C 9 -1.86 5.69 9.01
CA SER C 9 -1.33 5.27 10.31
C SER C 9 -0.68 3.85 10.20
N PRO C 10 0.02 3.38 11.25
CA PRO C 10 0.74 2.10 11.09
C PRO C 10 -0.15 0.90 10.76
N SER C 11 0.35 -0.07 9.99
CA SER C 11 -0.44 -1.26 9.66
C SER C 11 -0.62 -2.17 10.87
N TYR C 12 -1.69 -2.97 10.87
CA TYR C 12 -2.01 -3.87 11.98
C TYR C 12 -0.97 -4.98 12.17
N SER C 13 -0.64 -5.26 13.43
CA SER C 13 0.26 -6.34 13.79
C SER C 13 -0.52 -7.38 14.56
N PRO C 14 -0.48 -8.65 14.12
CA PRO C 14 -1.23 -9.67 14.84
C PRO C 14 -0.60 -10.04 16.20
N THR C 15 0.55 -9.47 16.52
CA THR C 15 1.14 -9.64 17.85
C THR C 15 0.85 -8.46 18.76
N SER C 16 0.05 -7.52 18.29
CA SER C 16 -0.33 -6.38 19.12
C SER C 16 -1.18 -6.73 20.35
N PRO C 17 -2.04 -7.77 20.27
CA PRO C 17 -2.82 -8.04 21.51
C PRO C 17 -1.97 -8.35 22.74
N SER C 18 -2.40 -7.83 23.89
CA SER C 18 -1.77 -8.21 25.17
C SER C 18 -2.34 -9.53 25.65
N TYR C 19 -2.02 -10.60 24.92
CA TYR C 19 -2.33 -11.96 25.32
C TYR C 19 -1.07 -12.77 25.13
N SER C 20 -0.66 -13.48 26.17
CA SER C 20 0.58 -14.23 26.11
C SER C 20 0.36 -15.60 25.49
N NH2 C 21 -0.87 -15.95 25.12
N PHE D 4 -21.14 -2.51 -24.25
CA PHE D 4 -21.12 -1.46 -23.22
C PHE D 4 -22.42 -1.37 -22.42
N SER D 5 -22.27 -1.17 -21.12
CA SER D 5 -23.39 -0.94 -20.23
C SER D 5 -22.97 -0.05 -19.09
N GLU D 6 -23.85 0.85 -18.65
CA GLU D 6 -23.55 1.67 -17.49
C GLU D 6 -23.40 0.76 -16.28
N SER D 7 -24.16 -0.32 -16.28
CA SER D 7 -24.02 -1.36 -15.28
C SER D 7 -22.62 -1.98 -15.32
N ALA D 8 -22.18 -2.39 -16.51
CA ALA D 8 -20.87 -3.03 -16.68
C ALA D 8 -19.75 -2.07 -16.27
N LEU D 9 -19.88 -0.79 -16.67
CA LEU D 9 -18.93 0.24 -16.28
C LEU D 9 -18.87 0.42 -14.75
N GLU D 10 -20.02 0.47 -14.09
CA GLU D 10 -20.07 0.61 -12.63
C GLU D 10 -19.33 -0.56 -11.96
N LYS D 11 -19.36 -1.73 -12.59
CA LYS D 11 -18.67 -2.89 -12.02
C LYS D 11 -17.17 -2.74 -12.16
N LYS D 12 -16.71 -2.47 -13.39
CA LYS D 12 -15.29 -2.32 -13.67
C LYS D 12 -14.72 -1.21 -12.81
N LEU D 13 -15.56 -0.22 -12.51
CA LEU D 13 -15.15 0.91 -11.70
C LEU D 13 -14.96 0.52 -10.23
N SER D 14 -15.83 -0.35 -9.72
CA SER D 14 -15.66 -0.85 -8.37
C SER D 14 -14.42 -1.73 -8.28
N GLU D 15 -14.10 -2.43 -9.37
CA GLU D 15 -12.97 -3.34 -9.38
C GLU D 15 -11.65 -2.64 -9.73
N LEU D 16 -11.72 -1.37 -10.09
CA LEU D 16 -10.54 -0.63 -10.52
C LEU D 16 -9.55 -0.43 -9.37
N SER D 17 -8.28 -0.77 -9.62
CA SER D 17 -7.17 -0.58 -8.67
C SER D 17 -6.13 0.45 -9.15
N ASN D 18 -5.10 0.66 -8.34
CA ASN D 18 -4.07 1.66 -8.63
C ASN D 18 -2.93 1.13 -9.50
N SER D 19 -3.02 -0.12 -9.94
CA SER D 19 -1.95 -0.68 -10.77
C SER D 19 -1.97 -0.09 -12.18
N GLN D 20 -0.81 -0.03 -12.83
CA GLN D 20 -0.71 0.41 -14.21
C GLN D 20 -1.63 -0.44 -15.08
N HIS D 21 -1.64 -1.74 -14.84
CA HIS D 21 -2.49 -2.65 -15.60
C HIS D 21 -3.99 -2.37 -15.48
N SER D 22 -4.46 -2.17 -14.26
CA SER D 22 -5.89 -1.98 -14.03
C SER D 22 -6.40 -0.68 -14.69
N VAL D 23 -5.71 0.42 -14.46
CA VAL D 23 -6.06 1.70 -15.07
C VAL D 23 -5.99 1.68 -16.61
N GLN D 24 -4.93 1.12 -17.19
CA GLN D 24 -4.78 1.21 -18.64
C GLN D 24 -5.72 0.23 -19.33
N THR D 25 -6.05 -0.88 -18.67
CA THR D 25 -6.99 -1.85 -19.23
C THR D 25 -8.40 -1.26 -19.33
N LEU D 26 -8.85 -0.63 -18.24
CA LEU D 26 -10.16 0.00 -18.23
C LEU D 26 -10.20 1.15 -19.23
N SER D 27 -9.14 1.93 -19.28
CA SER D 27 -9.02 3.05 -20.22
C SER D 27 -9.19 2.57 -21.66
N LEU D 28 -8.55 1.46 -22.02
CA LEU D 28 -8.72 0.88 -23.36
C LEU D 28 -10.17 0.52 -23.70
N TRP D 29 -10.89 -0.05 -22.73
CA TRP D 29 -12.27 -0.48 -22.95
C TRP D 29 -13.15 0.75 -23.21
N LEU D 30 -12.98 1.76 -22.37
CA LEU D 30 -13.69 3.02 -22.51
C LEU D 30 -13.39 3.74 -23.84
N ILE D 31 -12.14 3.68 -24.29
CA ILE D 31 -11.80 4.29 -25.57
C ILE D 31 -12.41 3.46 -26.70
N HIS D 32 -12.54 2.15 -26.49
CA HIS D 32 -13.26 1.31 -27.44
C HIS D 32 -14.73 1.73 -27.53
N HIS D 33 -15.30 2.09 -26.39
CA HIS D 33 -16.71 2.51 -26.30
C HIS D 33 -16.85 4.03 -26.25
N ARG D 34 -16.01 4.73 -27.00
CA ARG D 34 -16.00 6.19 -26.98
C ARG D 34 -17.27 6.83 -27.56
N LYS D 35 -18.08 6.05 -28.28
CA LYS D 35 -19.34 6.58 -28.79
C LYS D 35 -20.24 6.93 -27.60
N HIS D 36 -20.01 6.26 -26.48
CA HIS D 36 -20.79 6.49 -25.27
C HIS D 36 -20.05 7.41 -24.29
N ALA D 37 -19.26 8.34 -24.80
CA ALA D 37 -18.41 9.19 -23.95
C ALA D 37 -19.20 10.03 -22.94
N GLY D 38 -20.31 10.59 -23.40
CA GLY D 38 -21.24 11.29 -22.51
C GLY D 38 -21.58 10.45 -21.28
N PRO D 39 -22.33 9.36 -21.47
CA PRO D 39 -22.65 8.46 -20.37
C PRO D 39 -21.44 8.02 -19.52
N ILE D 40 -20.30 7.74 -20.15
CA ILE D 40 -19.15 7.26 -19.40
C ILE D 40 -18.70 8.27 -18.35
N VAL D 41 -18.59 9.52 -18.75
CA VAL D 41 -18.11 10.56 -17.87
C VAL D 41 -19.15 10.84 -16.77
N SER D 42 -20.43 10.66 -17.10
CA SER D 42 -21.47 10.86 -16.10
C SER D 42 -21.39 9.77 -15.03
N VAL D 43 -21.30 8.51 -15.46
CA VAL D 43 -21.13 7.40 -14.54
C VAL D 43 -19.80 7.48 -13.78
N TRP D 44 -18.72 7.82 -14.48
CA TRP D 44 -17.42 8.00 -13.85
C TRP D 44 -17.45 9.04 -12.73
N HIS D 45 -18.12 10.15 -12.99
CA HIS D 45 -18.25 11.23 -12.01
C HIS D 45 -19.13 10.80 -10.80
N ARG D 46 -20.25 10.13 -11.07
CA ARG D 46 -21.07 9.57 -9.98
C ARG D 46 -20.30 8.63 -9.06
N GLU D 47 -19.53 7.73 -9.65
CA GLU D 47 -18.78 6.74 -8.88
C GLU D 47 -17.57 7.34 -8.14
N LEU D 48 -16.91 8.31 -8.76
CA LEU D 48 -15.83 9.06 -8.09
C LEU D 48 -16.28 9.60 -6.73
N ARG D 49 -17.44 10.26 -6.73
CA ARG D 49 -17.95 10.87 -5.52
C ARG D 49 -18.32 9.84 -4.43
N LYS D 50 -18.75 8.66 -4.85
CA LYS D 50 -19.12 7.57 -3.94
C LYS D 50 -17.92 6.72 -3.50
N ALA D 51 -16.82 6.82 -4.24
CA ALA D 51 -15.61 6.07 -3.91
C ALA D 51 -14.98 6.51 -2.60
N LYS D 52 -14.32 5.57 -1.93
CA LYS D 52 -13.60 5.87 -0.70
C LYS D 52 -12.47 6.84 -1.00
N SER D 53 -12.07 7.61 0.00
CA SER D 53 -11.19 8.73 -0.19
C SER D 53 -9.84 8.36 -0.82
N ASN D 54 -9.31 7.20 -0.47
CA ASN D 54 -7.98 6.83 -0.97
C ASN D 54 -8.05 6.16 -2.34
N ARG D 55 -9.25 6.12 -2.92
CA ARG D 55 -9.42 5.57 -4.26
C ARG D 55 -9.61 6.68 -5.29
N LYS D 56 -9.93 7.87 -4.80
CA LYS D 56 -10.36 8.95 -5.67
C LYS D 56 -9.26 9.40 -6.63
N LEU D 57 -8.01 9.35 -6.20
CA LEU D 57 -6.88 9.68 -7.09
C LEU D 57 -6.86 8.72 -8.27
N THR D 58 -7.20 7.47 -8.00
CA THR D 58 -7.18 6.46 -9.04
C THR D 58 -8.26 6.73 -10.10
N PHE D 59 -9.41 7.27 -9.68
CA PHE D 59 -10.39 7.72 -10.67
C PHE D 59 -9.87 8.85 -11.57
N LEU D 60 -9.11 9.77 -10.99
CA LEU D 60 -8.55 10.87 -11.76
C LEU D 60 -7.46 10.38 -12.71
N TYR D 61 -6.81 9.29 -12.31
CA TYR D 61 -5.77 8.71 -13.13
C TYR D 61 -6.39 7.98 -14.32
N LEU D 62 -7.51 7.31 -14.10
CA LEU D 62 -8.27 6.75 -15.21
C LEU D 62 -8.71 7.85 -16.18
N ALA D 63 -9.24 8.96 -15.67
CA ALA D 63 -9.62 10.08 -16.54
C ALA D 63 -8.41 10.56 -17.34
N ASN D 64 -7.28 10.73 -16.65
CA ASN D 64 -6.02 11.13 -17.29
C ASN D 64 -5.66 10.22 -18.44
N ASP D 65 -5.78 8.91 -18.23
CA ASP D 65 -5.36 7.95 -19.24
C ASP D 65 -6.33 7.92 -20.42
N VAL D 66 -7.63 7.94 -20.12
CA VAL D 66 -8.65 8.06 -21.19
C VAL D 66 -8.47 9.33 -22.02
N ILE D 67 -8.36 10.47 -21.33
CA ILE D 67 -8.23 11.74 -22.02
C ILE D 67 -6.97 11.74 -22.93
N GLN D 68 -5.80 11.46 -22.35
CA GLN D 68 -4.56 11.49 -23.14
C GLN D 68 -4.59 10.49 -24.30
N ASN D 69 -5.01 9.26 -24.04
CA ASN D 69 -5.05 8.28 -25.11
C ASN D 69 -6.19 8.44 -26.13
N SER D 70 -7.29 9.07 -25.73
CA SER D 70 -8.41 9.23 -26.67
C SER D 70 -8.10 10.23 -27.77
N LYS D 71 -7.16 11.14 -27.51
CA LYS D 71 -6.93 12.28 -28.38
C LYS D 71 -6.66 11.88 -29.83
N ARG D 72 -5.99 10.76 -30.04
CA ARG D 72 -5.68 10.35 -31.41
C ARG D 72 -6.92 9.75 -32.10
N LYS D 73 -8.04 9.66 -31.38
CA LYS D 73 -9.28 9.11 -31.93
C LYS D 73 -10.32 10.20 -32.19
N GLY D 74 -10.34 11.21 -31.35
CA GLY D 74 -11.25 12.31 -31.50
C GLY D 74 -11.26 13.14 -30.24
N PRO D 75 -11.91 14.32 -30.29
CA PRO D 75 -11.92 15.26 -29.16
C PRO D 75 -13.03 14.99 -28.15
N GLU D 76 -13.85 13.96 -28.36
CA GLU D 76 -15.04 13.78 -27.54
C GLU D 76 -14.73 13.55 -26.05
N PHE D 77 -13.74 12.73 -25.74
CA PHE D 77 -13.47 12.47 -24.33
C PHE D 77 -12.89 13.72 -23.64
N THR D 78 -12.05 14.45 -24.37
CA THR D 78 -11.53 15.73 -23.89
C THR D 78 -12.66 16.71 -23.54
N ARG D 79 -13.58 16.89 -24.47
CA ARG D 79 -14.72 17.78 -24.28
C ARG D 79 -15.63 17.30 -23.14
N GLU D 80 -15.93 16.01 -23.13
CA GLU D 80 -16.86 15.47 -22.14
C GLU D 80 -16.29 15.61 -20.73
N PHE D 81 -14.99 15.34 -20.58
CA PHE D 81 -14.39 15.44 -19.25
C PHE D 81 -14.29 16.91 -18.85
N GLU D 82 -13.97 17.77 -19.80
CA GLU D 82 -13.83 19.21 -19.53
C GLU D 82 -15.06 19.82 -18.82
N SER D 83 -16.23 19.23 -19.02
CA SER D 83 -17.45 19.77 -18.41
C SER D 83 -17.65 19.30 -16.96
N VAL D 84 -16.79 18.41 -16.46
CA VAL D 84 -16.94 17.95 -15.09
C VAL D 84 -15.68 18.03 -14.24
N LEU D 85 -14.53 18.38 -14.83
CA LEU D 85 -13.27 18.20 -14.08
C LEU D 85 -13.05 19.26 -13.03
N VAL D 86 -13.58 20.47 -13.23
CA VAL D 86 -13.46 21.47 -12.17
C VAL D 86 -14.18 20.98 -10.90
N ASP D 87 -15.40 20.47 -11.07
CA ASP D 87 -16.18 19.86 -9.98
C ASP D 87 -15.45 18.65 -9.41
N ALA D 88 -14.85 17.85 -10.29
CA ALA D 88 -14.16 16.62 -9.85
C ALA D 88 -12.92 16.89 -8.98
N PHE D 89 -12.03 17.76 -9.44
CA PHE D 89 -10.84 18.15 -8.67
C PHE D 89 -11.22 18.87 -7.37
N SER D 90 -12.25 19.69 -7.43
CA SER D 90 -12.69 20.41 -6.24
C SER D 90 -13.11 19.42 -5.16
N HIS D 91 -13.89 18.43 -5.55
CA HIS D 91 -14.33 17.39 -4.65
C HIS D 91 -13.16 16.58 -4.11
N VAL D 92 -12.31 16.11 -5.02
CA VAL D 92 -11.19 15.29 -4.60
C VAL D 92 -10.28 16.09 -3.65
N ALA D 93 -9.98 17.33 -4.03
CA ALA D 93 -9.14 18.20 -3.20
C ALA D 93 -9.75 18.44 -1.83
N ARG D 94 -11.06 18.70 -1.79
CA ARG D 94 -11.79 18.91 -0.53
C ARG D 94 -11.67 17.72 0.42
N GLU D 95 -11.89 16.52 -0.11
CA GLU D 95 -11.78 15.30 0.69
C GLU D 95 -10.35 15.08 1.18
N ALA D 96 -9.37 15.40 0.34
CA ALA D 96 -7.96 15.28 0.73
C ALA D 96 -7.68 16.22 1.90
N ASP D 97 -8.22 17.42 1.79
CA ASP D 97 -8.07 18.43 2.83
C ASP D 97 -8.72 18.00 4.15
N GLU D 98 -9.93 17.46 4.06
CA GLU D 98 -10.65 16.94 5.23
C GLU D 98 -9.90 15.83 5.96
N GLY D 99 -9.31 14.90 5.21
CA GLY D 99 -8.70 13.73 5.83
C GLY D 99 -7.22 13.89 6.17
N CYS D 100 -6.61 14.95 5.65
CA CYS D 100 -5.16 15.09 5.63
C CYS D 100 -4.49 14.90 7.00
N LYS D 101 -4.95 15.63 8.00
CA LYS D 101 -4.32 15.59 9.32
C LYS D 101 -5.09 14.79 10.38
N LYS D 102 -6.05 13.96 9.96
CA LYS D 102 -6.76 13.09 10.89
CA LYS D 102 -6.76 13.11 10.90
C LYS D 102 -5.85 12.20 11.73
N PRO D 103 -4.74 11.67 11.14
CA PRO D 103 -3.88 10.87 12.02
C PRO D 103 -3.29 11.68 13.18
N LEU D 104 -2.89 12.93 12.92
CA LEU D 104 -2.38 13.82 13.95
C LEU D 104 -3.45 14.14 14.98
N GLU D 105 -4.65 14.41 14.49
CA GLU D 105 -5.76 14.77 15.38
CA GLU D 105 -5.78 14.75 15.36
C GLU D 105 -6.13 13.59 16.28
N ARG D 106 -6.06 12.37 15.75
CA ARG D 106 -6.34 11.19 16.54
C ARG D 106 -5.29 10.97 17.64
N LEU D 107 -4.01 11.22 17.35
CA LEU D 107 -2.99 11.12 18.40
C LEU D 107 -3.32 12.09 19.52
N LEU D 108 -3.60 13.35 19.18
CA LEU D 108 -3.94 14.35 20.19
C LEU D 108 -5.24 14.03 20.94
N ASN D 109 -6.19 13.39 20.26
CA ASN D 109 -7.43 12.96 20.90
C ASN D 109 -7.21 11.82 21.88
N ILE D 110 -6.30 10.91 21.55
CA ILE D 110 -5.96 9.84 22.47
C ILE D 110 -5.29 10.42 23.72
N TRP D 111 -4.29 11.28 23.52
CA TRP D 111 -3.53 11.87 24.62
C TRP D 111 -4.40 12.67 25.59
N GLN D 112 -5.32 13.46 25.04
CA GLN D 112 -6.24 14.25 25.86
C GLN D 112 -7.08 13.35 26.74
N GLU D 113 -7.68 12.34 26.14
CA GLU D 113 -8.59 11.46 26.85
C GLU D 113 -7.87 10.66 27.94
N ARG D 114 -6.74 10.07 27.59
CA ARG D 114 -6.01 9.21 28.51
C ARG D 114 -5.07 9.98 29.43
N SER D 115 -5.18 11.31 29.40
CA SER D 115 -4.39 12.20 30.25
C SER D 115 -2.88 12.01 30.11
N VAL D 116 -2.43 11.74 28.89
CA VAL D 116 -1.00 11.60 28.61
C VAL D 116 -0.34 12.96 28.85
N TYR D 117 -1.00 14.01 28.39
CA TYR D 117 -0.63 15.38 28.75
C TYR D 117 -1.89 16.11 29.21
N GLY D 118 -1.71 17.34 29.66
CA GLY D 118 -2.84 18.15 30.09
C GLY D 118 -3.39 18.98 28.96
N GLY D 119 -4.59 19.54 29.16
CA GLY D 119 -5.26 20.34 28.16
C GLY D 119 -4.42 21.48 27.62
N GLU D 120 -3.73 22.19 28.53
CA GLU D 120 -2.85 23.29 28.18
C GLU D 120 -1.88 22.92 27.07
N PHE D 121 -1.11 21.87 27.30
CA PHE D 121 -0.15 21.39 26.32
C PHE D 121 -0.86 20.78 25.13
N ILE D 122 -1.91 20.02 25.41
CA ILE D 122 -2.73 19.40 24.37
C ILE D 122 -3.23 20.49 23.41
N GLN D 123 -3.81 21.55 23.95
CA GLN D 123 -4.28 22.64 23.12
C GLN D 123 -3.11 23.31 22.38
N GLN D 124 -1.93 23.28 22.99
CA GLN D 124 -0.74 23.86 22.35
C GLN D 124 -0.32 23.02 21.12
N LEU D 125 -0.40 21.69 21.25
CA LEU D 125 -0.16 20.82 20.10
C LEU D 125 -1.25 21.01 19.05
N LYS D 126 -2.49 21.21 19.50
CA LYS D 126 -3.62 21.47 18.62
C LYS D 126 -3.36 22.67 17.72
N LEU D 127 -2.87 23.74 18.34
CA LEU D 127 -2.60 24.97 17.64
C LEU D 127 -1.47 24.80 16.63
N SER D 128 -0.53 23.93 16.97
CA SER D 128 0.64 23.70 16.14
CA SER D 128 0.65 23.68 16.15
C SER D 128 0.26 23.13 14.79
N MET D 129 -0.87 22.42 14.73
CA MET D 129 -1.33 21.81 13.49
C MET D 129 -1.86 22.85 12.50
N GLU D 130 -2.16 24.03 12.99
CA GLU D 130 -2.48 25.17 12.14
C GLU D 130 -1.18 25.93 11.79
N ASP D 131 -0.22 25.88 12.70
CA ASP D 131 1.06 26.54 12.51
N SER E 3 22.73 -3.47 23.88
CA SER E 3 23.40 -2.33 24.52
C SER E 3 23.10 -1.03 23.76
N PHE E 4 22.92 0.05 24.50
CA PHE E 4 22.50 1.31 23.90
C PHE E 4 23.68 2.07 23.30
N SER E 5 23.41 2.71 22.17
CA SER E 5 24.35 3.64 21.56
C SER E 5 23.55 4.55 20.64
N GLU E 6 24.09 5.71 20.29
CA GLU E 6 23.34 6.60 19.41
C GLU E 6 23.41 6.08 18.00
N SER E 7 24.52 5.42 17.69
CA SER E 7 24.70 4.77 16.42
C SER E 7 23.65 3.69 16.18
N ALA E 8 23.40 2.90 17.22
CA ALA E 8 22.40 1.84 17.14
C ALA E 8 20.98 2.41 16.99
N LEU E 9 20.69 3.46 17.75
CA LEU E 9 19.41 4.15 17.69
C LEU E 9 19.13 4.73 16.30
N GLU E 10 20.08 5.50 15.80
CA GLU E 10 19.98 6.11 14.48
C GLU E 10 19.70 5.06 13.42
N LYS E 11 20.37 3.92 13.53
CA LYS E 11 20.17 2.83 12.59
C LYS E 11 18.77 2.23 12.69
N LYS E 12 18.34 1.93 13.91
CA LYS E 12 16.99 1.40 14.15
C LYS E 12 15.94 2.39 13.63
N LEU E 13 16.17 3.68 13.86
CA LEU E 13 15.24 4.69 13.38
C LEU E 13 15.19 4.72 11.85
N SER E 14 16.33 4.48 11.21
CA SER E 14 16.40 4.50 9.75
C SER E 14 15.70 3.28 9.18
N GLU E 15 15.50 2.26 10.01
CA GLU E 15 14.88 1.00 9.59
C GLU E 15 13.40 0.89 9.96
N LEU E 16 12.90 1.87 10.71
CA LEU E 16 11.51 1.90 11.14
C LEU E 16 10.54 1.82 9.96
N SER E 17 9.66 0.81 9.97
CA SER E 17 8.60 0.70 8.95
C SER E 17 7.28 1.24 9.49
N ASN E 18 6.33 1.53 8.60
CA ASN E 18 5.03 2.01 9.04
C ASN E 18 4.13 0.86 9.47
N SER E 19 4.67 -0.05 10.26
CA SER E 19 3.89 -1.18 10.79
C SER E 19 3.85 -1.09 12.30
N GLN E 20 2.79 -1.62 12.90
CA GLN E 20 2.69 -1.60 14.34
C GLN E 20 3.77 -2.47 14.94
N HIS E 21 4.15 -3.52 14.22
CA HIS E 21 5.23 -4.38 14.73
C HIS E 21 6.55 -3.63 14.84
N SER E 22 6.94 -2.96 13.76
CA SER E 22 8.14 -2.14 13.70
C SER E 22 8.14 -1.12 14.82
N VAL E 23 7.03 -0.39 14.96
CA VAL E 23 6.85 0.61 16.00
C VAL E 23 6.99 0.04 17.41
N GLN E 24 6.31 -1.08 17.71
CA GLN E 24 6.33 -1.61 19.07
C GLN E 24 7.65 -2.27 19.42
N THR E 25 8.27 -2.92 18.45
CA THR E 25 9.58 -3.50 18.64
C THR E 25 10.58 -2.42 19.10
N LEU E 26 10.66 -1.34 18.32
CA LEU E 26 11.59 -0.25 18.66
C LEU E 26 11.24 0.39 19.99
N SER E 27 9.96 0.67 20.21
CA SER E 27 9.50 1.25 21.46
C SER E 27 9.96 0.43 22.67
N LEU E 28 9.94 -0.90 22.56
CA LEU E 28 10.40 -1.76 23.67
C LEU E 28 11.88 -1.51 24.04
N TRP E 29 12.73 -1.58 23.02
CA TRP E 29 14.15 -1.29 23.14
C TRP E 29 14.43 0.06 23.79
N LEU E 30 13.68 1.08 23.37
CA LEU E 30 13.84 2.41 23.94
C LEU E 30 13.41 2.45 25.42
N ILE E 31 12.32 1.75 25.75
CA ILE E 31 11.84 1.71 27.14
C ILE E 31 12.86 0.95 28.00
N HIS E 32 13.41 -0.11 27.43
CA HIS E 32 14.48 -0.84 28.07
C HIS E 32 15.64 0.10 28.38
N HIS E 33 15.90 1.00 27.44
CA HIS E 33 17.04 1.91 27.52
C HIS E 33 16.65 3.31 28.00
N ARG E 34 15.64 3.36 28.87
CA ARG E 34 14.99 4.62 29.21
C ARG E 34 15.86 5.54 30.04
N LYS E 35 16.92 4.98 30.63
CA LYS E 35 17.89 5.80 31.34
C LYS E 35 18.53 6.80 30.38
N HIS E 36 18.40 6.55 29.08
CA HIS E 36 18.93 7.43 28.04
C HIS E 36 17.84 8.25 27.35
N ALA E 37 16.76 8.54 28.07
CA ALA E 37 15.59 9.20 27.49
C ALA E 37 15.88 10.56 26.86
N GLY E 38 16.75 11.35 27.48
CA GLY E 38 17.18 12.62 26.91
C GLY E 38 17.80 12.52 25.52
N PRO E 39 18.93 11.81 25.40
CA PRO E 39 19.57 11.51 24.13
C PRO E 39 18.63 10.83 23.14
N ILE E 40 17.81 9.90 23.62
CA ILE E 40 16.88 9.21 22.73
C ILE E 40 15.92 10.19 22.08
N VAL E 41 15.30 11.06 22.87
CA VAL E 41 14.35 12.00 22.31
C VAL E 41 15.02 13.00 21.37
N SER E 42 16.25 13.39 21.69
CA SER E 42 16.99 14.34 20.86
C SER E 42 17.35 13.74 19.50
N VAL E 43 17.76 12.49 19.50
CA VAL E 43 18.09 11.77 18.27
C VAL E 43 16.83 11.51 17.44
N TRP E 44 15.74 11.16 18.13
CA TRP E 44 14.41 11.00 17.49
C TRP E 44 13.99 12.27 16.73
N HIS E 45 14.06 13.41 17.42
CA HIS E 45 13.69 14.69 16.82
C HIS E 45 14.53 15.00 15.57
N ARG E 46 15.84 14.84 15.71
CA ARG E 46 16.80 15.07 14.63
C ARG E 46 16.48 14.21 13.43
N GLU E 47 16.33 12.90 13.67
CA GLU E 47 16.08 11.97 12.58
C GLU E 47 14.68 12.17 11.97
N LEU E 48 13.73 12.66 12.77
CA LEU E 48 12.41 13.02 12.26
C LEU E 48 12.48 14.13 11.21
N ARG E 49 13.16 15.20 11.57
CA ARG E 49 13.27 16.34 10.66
C ARG E 49 14.01 15.95 9.39
N LYS E 50 14.96 15.01 9.52
CA LYS E 50 15.78 14.54 8.40
CA LYS E 50 15.77 14.55 8.41
C LYS E 50 15.06 13.51 7.54
N ALA E 51 14.12 12.78 8.12
CA ALA E 51 13.50 11.65 7.41
C ALA E 51 12.73 12.06 6.16
N LYS E 52 12.70 11.16 5.18
CA LYS E 52 11.85 11.33 4.00
C LYS E 52 10.42 11.62 4.43
N SER E 53 9.74 12.43 3.61
CA SER E 53 8.44 12.98 3.94
C SER E 53 7.38 11.91 4.26
N ASN E 54 7.40 10.81 3.52
CA ASN E 54 6.46 9.72 3.75
C ASN E 54 6.67 8.96 5.05
N ARG E 55 7.79 9.20 5.73
CA ARG E 55 8.11 8.41 6.93
C ARG E 55 7.91 9.18 8.24
N LYS E 56 7.69 10.49 8.15
CA LYS E 56 7.73 11.31 9.35
C LYS E 56 6.58 11.01 10.30
N LEU E 57 5.39 10.75 9.74
CA LEU E 57 4.21 10.45 10.56
C LEU E 57 4.49 9.29 11.51
N THR E 58 5.14 8.24 10.99
CA THR E 58 5.47 7.06 11.77
C THR E 58 6.27 7.40 13.04
N PHE E 59 7.14 8.41 12.94
CA PHE E 59 7.89 8.86 14.11
C PHE E 59 6.94 9.26 15.24
N LEU E 60 5.88 9.97 14.91
CA LEU E 60 4.94 10.41 15.95
C LEU E 60 4.19 9.22 16.60
N TYR E 61 3.93 8.17 15.82
CA TYR E 61 3.28 6.98 16.39
C TYR E 61 4.27 6.21 17.28
N LEU E 62 5.55 6.22 16.91
CA LEU E 62 6.61 5.66 17.77
C LEU E 62 6.67 6.38 19.11
N ALA E 63 6.66 7.71 19.06
CA ALA E 63 6.57 8.51 20.28
C ALA E 63 5.31 8.14 21.08
N ASN E 64 4.19 7.97 20.40
CA ASN E 64 2.95 7.57 21.09
C ASN E 64 3.15 6.29 21.91
N ASP E 65 3.70 5.25 21.27
CA ASP E 65 3.86 3.96 21.90
C ASP E 65 4.81 4.05 23.09
N VAL E 66 5.91 4.76 22.89
CA VAL E 66 6.91 4.97 23.91
C VAL E 66 6.34 5.68 25.11
N ILE E 67 5.62 6.77 24.87
CA ILE E 67 5.16 7.61 25.96
C ILE E 67 4.11 6.88 26.81
N GLN E 68 3.14 6.23 26.18
CA GLN E 68 2.12 5.52 26.95
C GLN E 68 2.70 4.32 27.68
N ASN E 69 3.55 3.56 27.01
CA ASN E 69 4.10 2.36 27.64
C ASN E 69 5.17 2.62 28.70
N SER E 70 5.75 3.81 28.70
CA SER E 70 6.81 4.13 29.67
C SER E 70 6.25 4.70 30.97
N LYS E 71 5.00 5.19 30.93
CA LYS E 71 4.37 5.83 32.10
C LYS E 71 4.44 4.98 33.38
N ARG E 72 4.29 3.67 33.23
CA ARG E 72 4.33 2.76 34.37
C ARG E 72 5.76 2.48 34.82
N LYS E 73 6.73 3.06 34.11
CA LYS E 73 8.14 2.93 34.46
C LYS E 73 8.67 4.20 35.13
N GLY E 74 8.29 5.34 34.57
CA GLY E 74 8.83 6.62 34.99
C GLY E 74 8.39 7.72 34.04
N PRO E 75 8.39 8.97 34.52
CA PRO E 75 7.89 10.12 33.74
C PRO E 75 8.97 10.77 32.87
N GLU E 76 10.15 10.17 32.80
CA GLU E 76 11.27 10.75 32.07
C GLU E 76 10.97 10.90 30.57
N PHE E 77 10.32 9.90 29.98
CA PHE E 77 10.01 10.00 28.55
C PHE E 77 8.93 11.01 28.26
N THR E 78 7.89 11.03 29.08
CA THR E 78 6.82 12.00 28.95
C THR E 78 7.35 13.41 29.03
N ARG E 79 8.24 13.63 30.01
CA ARG E 79 8.87 14.92 30.21
C ARG E 79 9.80 15.28 29.05
N GLU E 80 10.60 14.31 28.59
CA GLU E 80 11.57 14.60 27.54
C GLU E 80 10.87 14.86 26.23
N PHE E 81 9.85 14.07 25.90
CA PHE E 81 9.13 14.29 24.66
C PHE E 81 8.41 15.65 24.68
N GLU E 82 7.92 16.06 25.85
CA GLU E 82 7.15 17.32 25.95
C GLU E 82 7.96 18.50 25.40
N SER E 83 9.28 18.44 25.54
CA SER E 83 10.17 19.52 25.09
C SER E 83 10.18 19.72 23.57
N VAL E 84 9.84 18.67 22.81
CA VAL E 84 10.01 18.69 21.34
C VAL E 84 8.73 18.44 20.52
N LEU E 85 7.64 18.08 21.18
CA LEU E 85 6.43 17.66 20.49
C LEU E 85 5.73 18.78 19.73
N VAL E 86 5.74 20.03 20.23
CA VAL E 86 5.09 21.09 19.47
CA VAL E 86 5.12 21.11 19.48
C VAL E 86 5.85 21.31 18.15
N ASP E 87 7.18 21.32 18.18
CA ASP E 87 7.97 21.45 16.95
C ASP E 87 7.74 20.26 16.03
N ALA E 88 7.69 19.07 16.61
CA ALA E 88 7.49 17.86 15.83
C ALA E 88 6.11 17.85 15.17
N PHE E 89 5.07 18.21 15.91
CA PHE E 89 3.72 18.24 15.34
C PHE E 89 3.57 19.34 14.30
N SER E 90 4.13 20.51 14.60
CA SER E 90 4.13 21.60 13.63
C SER E 90 4.83 21.18 12.33
N HIS E 91 5.97 20.48 12.46
CA HIS E 91 6.74 20.07 11.30
C HIS E 91 5.95 19.06 10.47
N VAL E 92 5.43 18.03 11.10
CA VAL E 92 4.67 17.03 10.36
C VAL E 92 3.42 17.63 9.72
N ALA E 93 2.74 18.53 10.43
CA ALA E 93 1.53 19.15 9.89
C ALA E 93 1.85 20.00 8.66
N ARG E 94 2.99 20.68 8.70
CA ARG E 94 3.51 21.41 7.54
C ARG E 94 3.72 20.48 6.34
N GLU E 95 4.40 19.36 6.58
CA GLU E 95 4.65 18.39 5.52
C GLU E 95 3.34 17.84 4.97
N ALA E 96 2.34 17.66 5.85
CA ALA E 96 1.04 17.14 5.44
C ALA E 96 0.31 18.10 4.52
N ASP E 97 0.22 19.36 4.95
CA ASP E 97 -0.39 20.42 4.14
C ASP E 97 0.21 20.47 2.74
N GLU E 98 1.51 20.18 2.65
CA GLU E 98 2.20 20.14 1.36
C GLU E 98 1.89 18.85 0.60
N GLY E 99 1.91 17.72 1.32
CA GLY E 99 1.85 16.41 0.70
C GLY E 99 0.51 15.82 0.30
N CYS E 100 -0.56 16.11 1.03
CA CYS E 100 -1.83 15.43 0.76
C CYS E 100 -2.36 15.64 -0.67
N LYS E 101 -2.17 16.83 -1.23
CA LYS E 101 -2.73 17.11 -2.57
C LYS E 101 -1.62 17.17 -3.62
N LYS E 102 -0.40 16.81 -3.22
CA LYS E 102 0.74 16.81 -4.16
C LYS E 102 0.47 15.99 -5.43
N PRO E 103 -0.06 14.75 -5.30
CA PRO E 103 -0.40 14.02 -6.54
C PRO E 103 -1.33 14.80 -7.47
N LEU E 104 -2.27 15.54 -6.92
CA LEU E 104 -3.19 16.33 -7.73
C LEU E 104 -2.49 17.49 -8.40
N GLU E 105 -1.61 18.15 -7.64
CA GLU E 105 -0.82 19.24 -8.18
C GLU E 105 0.04 18.71 -9.32
N ARG E 106 0.67 17.56 -9.10
CA ARG E 106 1.56 16.99 -10.10
C ARG E 106 0.78 16.58 -11.34
N LEU E 107 -0.45 16.12 -11.13
CA LEU E 107 -1.28 15.70 -12.26
C LEU E 107 -1.61 16.89 -13.16
N LEU E 108 -1.89 18.05 -12.55
CA LEU E 108 -2.14 19.24 -13.35
C LEU E 108 -0.89 19.74 -14.08
N ASN E 109 0.28 19.64 -13.45
CA ASN E 109 1.53 19.98 -14.13
C ASN E 109 1.77 19.14 -15.38
N ILE E 110 1.39 17.87 -15.29
CA ILE E 110 1.50 16.97 -16.44
C ILE E 110 0.56 17.44 -17.56
N TRP E 111 -0.67 17.79 -17.20
CA TRP E 111 -1.65 18.30 -18.17
C TRP E 111 -1.25 19.65 -18.76
N GLN E 112 -0.58 20.44 -17.94
CA GLN E 112 0.01 21.70 -18.41
C GLN E 112 1.10 21.40 -19.44
N GLU E 113 2.11 20.66 -19.01
CA GLU E 113 3.25 20.27 -19.85
C GLU E 113 2.80 19.75 -21.19
N ARG E 114 1.93 18.74 -21.16
CA ARG E 114 1.50 18.05 -22.37
C ARG E 114 0.34 18.73 -23.11
N SER E 115 -0.04 19.93 -22.67
CA SER E 115 -1.12 20.68 -23.29
C SER E 115 -2.39 19.83 -23.43
N VAL E 116 -2.68 19.06 -22.40
CA VAL E 116 -3.86 18.22 -22.37
C VAL E 116 -5.10 19.10 -22.40
N TYR E 117 -5.01 20.25 -21.73
CA TYR E 117 -6.06 21.28 -21.83
C TYR E 117 -5.37 22.61 -21.94
N GLY E 118 -6.08 23.63 -22.42
CA GLY E 118 -5.53 24.97 -22.51
C GLY E 118 -5.13 25.57 -21.17
N GLY E 119 -4.37 26.65 -21.21
CA GLY E 119 -3.85 27.28 -19.99
C GLY E 119 -4.92 27.84 -19.07
N GLU E 120 -5.93 28.49 -19.64
CA GLU E 120 -7.01 29.05 -18.87
C GLU E 120 -7.70 27.97 -18.04
N PHE E 121 -8.01 26.85 -18.67
CA PHE E 121 -8.70 25.77 -18.00
C PHE E 121 -7.85 25.11 -16.91
N ILE E 122 -6.54 24.99 -17.16
CA ILE E 122 -5.66 24.42 -16.14
C ILE E 122 -5.66 25.33 -14.91
N GLN E 123 -5.68 26.64 -15.12
CA GLN E 123 -5.74 27.58 -14.01
C GLN E 123 -7.02 27.38 -13.19
N GLN E 124 -8.14 27.19 -13.88
CA GLN E 124 -9.41 26.93 -13.20
C GLN E 124 -9.29 25.70 -12.32
N LEU E 125 -8.67 24.65 -12.87
CA LEU E 125 -8.47 23.38 -12.15
C LEU E 125 -7.59 23.59 -10.92
N LYS E 126 -6.52 24.34 -11.09
CA LYS E 126 -5.64 24.67 -9.98
C LYS E 126 -6.41 25.47 -8.92
N LEU E 127 -7.12 26.51 -9.37
CA LEU E 127 -7.92 27.31 -8.45
C LEU E 127 -8.93 26.45 -7.71
N SER E 128 -9.49 25.46 -8.41
CA SER E 128 -10.55 24.62 -7.82
C SER E 128 -10.08 23.82 -6.60
N MET E 129 -8.78 23.71 -6.40
CA MET E 129 -8.22 22.91 -5.30
C MET E 129 -7.90 23.70 -4.04
N GLU E 130 -7.91 25.02 -4.14
CA GLU E 130 -7.64 25.86 -2.98
C GLU E 130 -8.92 26.53 -2.50
C11 BTN F 1 10.77 -10.07 8.28
O11 BTN F 1 10.65 -8.97 7.76
C10 BTN F 1 10.41 -10.25 9.73
C9 BTN F 1 8.90 -10.24 9.84
C8 BTN F 1 8.39 -10.39 11.27
C7 BTN F 1 6.98 -10.98 11.27
C2 BTN F 1 6.45 -11.09 12.69
S1 BTN F 1 5.18 -12.16 12.81
C6 BTN F 1 4.34 -11.36 14.19
C5 BTN F 1 4.83 -9.93 14.24
N1 BTN F 1 3.80 -9.03 13.78
C3 BTN F 1 4.10 -8.52 12.60
O3 BTN F 1 3.24 -7.66 11.86
N2 BTN F 1 5.30 -8.93 12.20
C4 BTN F 1 5.94 -9.75 13.21
N SER F 2 11.23 -11.13 7.63
CA SER F 2 11.74 -11.04 6.27
C SER F 2 10.64 -10.68 5.26
N PRO F 3 11.00 -9.82 4.28
CA PRO F 3 10.11 -9.37 3.19
C PRO F 3 9.66 -10.53 2.32
N SER F 4 8.47 -10.44 1.73
CA SER F 4 7.94 -11.50 0.88
C SER F 4 7.47 -10.96 -0.45
N TYR F 5 7.69 -11.72 -1.52
CA TYR F 5 6.95 -11.50 -2.76
C TYR F 5 5.47 -11.28 -2.47
N SER F 6 4.88 -10.33 -3.20
CA SER F 6 3.42 -10.17 -3.27
C SER F 6 3.04 -9.94 -4.73
N PRO F 7 1.87 -10.45 -5.15
CA PRO F 7 1.42 -10.34 -6.55
C PRO F 7 1.01 -8.93 -6.96
N THR F 8 1.92 -7.98 -6.87
CA THR F 8 1.61 -6.57 -7.09
C THR F 8 2.40 -5.96 -8.23
N SER F 9 1.77 -5.80 -9.40
CA SER F 9 2.45 -5.19 -10.56
C SER F 9 2.67 -3.68 -10.34
N PRO F 10 3.44 -3.01 -11.22
CA PRO F 10 3.72 -1.61 -10.87
C PRO F 10 2.48 -0.70 -10.83
N SER F 11 2.53 0.27 -9.92
CA SER F 11 1.47 1.27 -9.79
C SER F 11 1.43 2.22 -10.99
N TYR F 12 0.22 2.72 -11.30
CA TYR F 12 -0.02 3.56 -12.48
C TYR F 12 0.78 4.88 -12.48
N SER F 13 1.26 5.25 -13.65
CA SER F 13 1.94 6.53 -13.85
C SER F 13 1.14 7.41 -14.79
N PRO F 14 0.86 8.63 -14.35
CA PRO F 14 0.06 9.52 -15.21
C PRO F 14 0.87 10.06 -16.41
N THR F 15 2.16 9.74 -16.47
CA THR F 15 2.94 10.04 -17.68
C THR F 15 3.17 8.81 -18.58
N SER F 16 2.61 7.67 -18.23
CA SER F 16 2.66 6.49 -19.09
C SER F 16 2.00 6.67 -20.48
N PRO F 17 0.95 7.51 -20.61
CA PRO F 17 0.45 7.65 -21.98
C PRO F 17 1.47 8.18 -22.98
N SER F 18 1.47 7.62 -24.19
CA SER F 18 2.39 8.03 -25.25
C SER F 18 1.87 9.27 -25.97
N TYR F 19 1.79 10.36 -25.23
CA TYR F 19 1.21 11.60 -25.71
C TYR F 19 2.10 12.74 -25.25
N SER F 20 2.53 13.57 -26.20
CA SER F 20 3.47 14.63 -25.84
C SER F 20 2.75 15.90 -25.43
N NH2 F 21 1.42 15.92 -25.44
UNK UNX G . -10.44 -20.27 26.64
UNK UNX H . -21.10 -17.84 7.28
UNK UNX I . -11.43 -27.46 -2.48
UNK UNX J . -17.25 -5.09 27.69
UNK UNX K . -7.42 4.22 9.51
UNK UNX L . 2.50 -10.56 -32.81
UNK UNX M . -19.59 -3.93 28.81
UNK UNX N . -8.05 -22.10 25.57
UNK UNX O . -5.76 -21.37 27.56
S SO4 P . 9.85 -16.49 8.24
O1 SO4 P . 10.04 -17.67 7.41
O2 SO4 P . 10.83 -16.48 9.32
O3 SO4 P . 10.02 -15.29 7.41
O4 SO4 P . 8.51 -16.51 8.82
UNK UNX Q . -5.94 2.98 -3.70
UNK UNX R . -19.91 12.43 -1.72
UNK UNX S . -26.71 0.85 -19.32
UNK UNX T . 2.22 -2.75 -15.98
UNK UNX U . -17.63 4.28 -6.36
UNK UNX V . -4.02 5.75 -4.77
UNK UNX W . -21.33 17.09 -18.11
S SO4 X . -4.20 -5.95 -10.95
O1 SO4 X . -3.34 -5.10 -11.78
O2 SO4 X . -5.02 -5.10 -10.09
O3 SO4 X . -5.08 -6.74 -11.81
O4 SO4 X . -3.36 -6.84 -10.13
S SO4 Y . -21.41 -0.49 -28.15
O1 SO4 Y . -20.23 0.35 -27.96
O2 SO4 Y . -22.61 0.34 -28.20
O3 SO4 Y . -21.28 -1.22 -29.42
O4 SO4 Y . -21.51 -1.46 -27.05
UNK UNX Z . 17.62 7.19 6.83
UNK UNX AA . 14.17 -2.04 16.18
UNK UNX BA . 20.51 1.54 29.22
UNK UNX CA . 12.71 -4.84 21.03
UNK UNX DA . 7.37 18.39 -6.65
UNK UNX EA . 6.02 -1.63 22.76
S SO4 FA . 13.29 -3.46 31.89
O1 SO4 FA . 14.08 -4.21 30.90
O2 SO4 FA . 14.12 -3.09 33.03
O3 SO4 FA . 12.77 -2.25 31.25
O4 SO4 FA . 12.17 -4.29 32.36
UNK UNX GA . 7.70 -9.03 5.87
#